data_2HC2
#
_entry.id   2HC2
#
_cell.length_a   38.314
_cell.length_b   70.775
_cell.length_c   49.846
_cell.angle_alpha   90.000
_cell.angle_beta   92.520
_cell.angle_gamma   90.000
#
_symmetry.space_group_name_H-M   'P 1 21 1'
#
loop_
_entity.id
_entity.type
_entity.pdbx_description
1 polymer 'Receptor-type tyrosine-protein phosphatase beta'
2 non-polymer 'MAGNESIUM ION'
3 non-polymer 'SODIUM ION'
4 water water
#
_entity_poly.entity_id   1
_entity_poly.type   'polypeptide(L)'
_entity_poly.pdbx_seq_one_letter_code
;SNRKTSCPIKINQFEGHFMKLQADSNYLLSKEYEELKDVGRNQSCDIALLPENRGKNRYNNILPYDATRVKLSGGSDYIN
ASYIPGNNFRREYIVTQGPLPGTKDDFWKMVWEQNVHNIVMVTQCVEKGRVKCDHYWPADQDSLYYGDLILQMLSESVLP
EWTIREFKICGEEQLDAHRLIRHFHYTVWPDHGVPETTQSLIQFVRTVRDYINRSPGAGPTVVHCSAGVGRTGTFIALDR
ILQQLDSKDSVDIYGAVHDLRLHRVHMVQTECQYVYLHQCVRDVLRARKLR
;
_entity_poly.pdbx_strand_id   A
#
loop_
_chem_comp.id
_chem_comp.type
_chem_comp.name
_chem_comp.formula
MG non-polymer 'MAGNESIUM ION' 'Mg 2'
NA non-polymer 'SODIUM ION' 'Na 1'
#
# COMPACT_ATOMS: atom_id res chain seq x y z
N ASN A 2 -10.93 16.09 19.45
CA ASN A 2 -11.84 15.13 20.14
C ASN A 2 -11.23 13.74 20.14
N ARG A 3 -10.89 13.23 18.95
CA ARG A 3 -10.47 11.83 18.84
C ARG A 3 -8.96 11.63 19.03
N LYS A 4 -8.61 10.49 19.62
CA LYS A 4 -7.22 10.07 19.72
C LYS A 4 -6.58 10.04 18.32
N THR A 5 -5.31 10.42 18.25
CA THR A 5 -4.52 10.25 17.01
C THR A 5 -3.49 9.12 17.06
N SER A 6 -3.31 8.56 18.25
CA SER A 6 -2.24 7.60 18.52
C SER A 6 -2.67 6.70 19.69
N CYS A 7 -2.31 5.43 19.65
CA CYS A 7 -2.51 4.54 20.80
CA CYS A 7 -2.48 4.56 20.81
C CYS A 7 -1.28 3.64 20.98
N PRO A 8 -0.17 4.20 21.47
CA PRO A 8 1.04 3.39 21.57
C PRO A 8 0.92 2.31 22.65
N ILE A 9 1.49 1.15 22.36
CA ILE A 9 1.42 -0.02 23.25
CA ILE A 9 1.42 0.01 23.27
C ILE A 9 2.83 -0.52 23.50
N LYS A 10 3.19 -0.70 24.78
CA LYS A 10 4.46 -1.34 25.11
CA LYS A 10 4.45 -1.34 25.13
C LYS A 10 4.51 -2.73 24.51
N ILE A 11 5.62 -3.04 23.86
CA ILE A 11 5.71 -4.31 23.16
C ILE A 11 5.44 -5.52 24.07
N ASN A 12 5.93 -5.52 25.30
CA ASN A 12 5.69 -6.63 26.23
CA ASN A 12 5.67 -6.65 26.20
C ASN A 12 4.28 -6.67 26.83
N GLN A 13 3.48 -5.65 26.52
CA GLN A 13 2.08 -5.65 26.93
C GLN A 13 1.11 -5.86 25.76
N PHE A 14 1.67 -6.07 24.58
CA PHE A 14 0.86 -6.11 23.40
C PHE A 14 -0.05 -7.31 23.32
N GLU A 15 0.48 -8.50 23.61
CA GLU A 15 -0.33 -9.71 23.61
C GLU A 15 -1.61 -9.52 24.45
N GLY A 16 -1.46 -8.98 25.65
CA GLY A 16 -2.59 -8.84 26.57
C GLY A 16 -3.51 -7.67 26.20
N HIS A 17 -2.92 -6.60 25.65
CA HIS A 17 -3.69 -5.51 25.04
C HIS A 17 -4.61 -6.05 23.96
N PHE A 18 -4.04 -6.81 23.03
CA PHE A 18 -4.83 -7.34 21.93
C PHE A 18 -5.94 -8.29 22.48
N MET A 19 -5.58 -9.19 23.40
CA MET A 19 -6.60 -10.01 24.03
CA MET A 19 -6.55 -10.01 24.15
C MET A 19 -7.74 -9.20 24.66
N LYS A 20 -7.41 -8.15 25.39
CA LYS A 20 -8.41 -7.22 25.89
CA LYS A 20 -8.40 -7.20 25.89
C LYS A 20 -9.30 -6.61 24.81
N LEU A 21 -8.71 -6.22 23.68
CA LEU A 21 -9.49 -5.71 22.58
C LEU A 21 -10.44 -6.75 22.01
N GLN A 22 -9.99 -8.01 21.93
CA GLN A 22 -10.79 -9.09 21.32
C GLN A 22 -11.87 -9.64 22.25
N ALA A 23 -11.71 -9.41 23.54
CA ALA A 23 -12.64 -9.96 24.53
C ALA A 23 -14.07 -9.53 24.22
N ASP A 24 -15.04 -10.39 24.52
CA ASP A 24 -16.44 -10.02 24.41
CA ASP A 24 -16.45 -10.03 24.40
C ASP A 24 -16.82 -9.71 22.96
N SER A 25 -16.45 -10.60 22.04
CA SER A 25 -16.81 -10.46 20.63
C SER A 25 -16.28 -9.14 20.07
N ASN A 26 -15.03 -8.83 20.40
CA ASN A 26 -14.34 -7.66 19.83
C ASN A 26 -14.90 -6.35 20.37
N TYR A 27 -15.44 -6.35 21.57
CA TYR A 27 -16.10 -5.16 22.10
C TYR A 27 -15.23 -3.90 22.00
N LEU A 28 -14.06 -3.93 22.62
CA LEU A 28 -13.20 -2.74 22.66
C LEU A 28 -12.45 -2.55 21.34
N LEU A 29 -12.13 -3.65 20.67
CA LEU A 29 -11.45 -3.53 19.39
C LEU A 29 -12.31 -2.72 18.43
N SER A 30 -13.60 -3.05 18.37
CA SER A 30 -14.55 -2.36 17.49
C SER A 30 -14.69 -0.89 17.89
N LYS A 31 -14.67 -0.61 19.20
CA LYS A 31 -14.77 0.79 19.65
C LYS A 31 -13.53 1.57 19.20
N GLU A 32 -12.36 0.95 19.30
CA GLU A 32 -11.14 1.65 18.92
C GLU A 32 -11.14 1.87 17.40
N TYR A 33 -11.48 0.81 16.66
CA TYR A 33 -11.52 0.91 15.21
C TYR A 33 -12.52 1.98 14.75
N GLU A 34 -13.68 2.07 15.42
CA GLU A 34 -14.69 3.04 15.02
CA GLU A 34 -14.72 3.04 15.07
C GLU A 34 -14.22 4.47 15.24
N GLU A 35 -13.30 4.68 16.17
CA GLU A 35 -12.76 6.02 16.40
C GLU A 35 -11.98 6.54 15.20
N LEU A 36 -11.54 5.64 14.34
CA LEU A 36 -10.81 6.03 13.14
C LEU A 36 -11.72 6.41 11.95
N LYS A 37 -13.04 6.21 12.12
CA LYS A 37 -13.97 6.19 11.01
C LYS A 37 -13.89 7.46 10.15
N ASP A 38 -13.87 8.62 10.81
CA ASP A 38 -14.03 9.89 10.10
C ASP A 38 -12.68 10.56 9.77
N VAL A 39 -11.57 9.91 10.11
CA VAL A 39 -10.26 10.53 9.89
C VAL A 39 -10.08 10.85 8.40
N GLY A 40 -9.68 12.07 8.11
CA GLY A 40 -9.36 12.48 6.73
C GLY A 40 -10.58 12.91 5.92
N ARG A 41 -11.78 12.66 6.44
CA ARG A 41 -13.02 12.74 5.64
C ARG A 41 -13.56 14.18 5.48
N ASN A 42 -12.82 15.16 5.97
CA ASN A 42 -13.19 16.56 5.72
CA ASN A 42 -13.13 16.57 5.75
C ASN A 42 -12.62 17.08 4.40
N GLN A 43 -11.87 16.23 3.69
CA GLN A 43 -11.14 16.62 2.48
C GLN A 43 -11.92 16.32 1.20
N SER A 44 -11.82 17.21 0.21
CA SER A 44 -12.52 17.02 -1.06
C SER A 44 -11.66 16.34 -2.11
N CYS A 45 -12.35 15.81 -3.13
CA CYS A 45 -11.70 15.20 -4.29
CA CYS A 45 -11.70 15.21 -4.29
C CYS A 45 -12.21 15.87 -5.58
N ASP A 46 -12.24 17.20 -5.60
CA ASP A 46 -12.87 17.90 -6.70
C ASP A 46 -12.14 17.74 -8.03
N ILE A 47 -10.81 17.66 -8.02
CA ILE A 47 -10.07 17.52 -9.27
C ILE A 47 -10.38 16.15 -9.88
N ALA A 48 -10.38 15.11 -9.04
CA ALA A 48 -10.63 13.75 -9.54
C ALA A 48 -12.02 13.62 -10.16
N LEU A 49 -12.94 14.48 -9.73
CA LEU A 49 -14.33 14.47 -10.20
C LEU A 49 -14.56 15.29 -11.49
N LEU A 50 -13.55 16.00 -11.97
CA LEU A 50 -13.72 16.79 -13.20
C LEU A 50 -14.06 15.88 -14.38
N PRO A 51 -14.94 16.34 -15.27
CA PRO A 51 -15.32 15.50 -16.40
C PRO A 51 -14.12 14.98 -17.20
N GLU A 52 -13.10 15.81 -17.37
CA GLU A 52 -11.91 15.45 -18.12
CA GLU A 52 -11.91 15.45 -18.12
C GLU A 52 -11.19 14.23 -17.53
N ASN A 53 -11.45 13.95 -16.26
CA ASN A 53 -10.73 12.87 -15.55
C ASN A 53 -11.49 11.57 -15.36
N ARG A 54 -12.75 11.51 -15.78
CA ARG A 54 -13.64 10.40 -15.40
CA ARG A 54 -13.62 10.40 -15.38
C ARG A 54 -13.06 9.06 -15.83
N GLY A 55 -12.57 9.01 -17.06
CA GLY A 55 -12.05 7.76 -17.62
C GLY A 55 -10.74 7.31 -17.01
N LYS A 56 -10.14 8.17 -16.18
CA LYS A 56 -8.86 7.89 -15.55
C LYS A 56 -9.02 7.25 -14.17
N ASN A 57 -10.26 7.11 -13.71
CA ASN A 57 -10.53 6.46 -12.43
C ASN A 57 -11.12 5.10 -12.67
N ARG A 58 -10.50 4.08 -12.07
CA ARG A 58 -11.06 2.72 -12.21
C ARG A 58 -12.44 2.62 -11.56
N TYR A 59 -12.56 3.23 -10.38
CA TYR A 59 -13.83 3.23 -9.65
C TYR A 59 -14.21 4.68 -9.37
N ASN A 60 -15.39 5.09 -9.83
CA ASN A 60 -15.69 6.54 -9.83
C ASN A 60 -15.94 7.08 -8.41
N ASN A 61 -16.07 6.16 -7.45
CA ASN A 61 -16.23 6.54 -6.02
C ASN A 61 -14.98 6.30 -5.16
N ILE A 62 -13.83 6.02 -5.79
CA ILE A 62 -12.59 5.84 -5.05
CA ILE A 62 -12.61 5.87 -5.01
C ILE A 62 -11.53 6.77 -5.63
N LEU A 63 -11.38 7.94 -5.03
CA LEU A 63 -10.67 9.06 -5.62
C LEU A 63 -9.66 9.64 -4.65
N PRO A 64 -8.56 10.21 -5.18
CA PRO A 64 -7.60 10.86 -4.31
C PRO A 64 -8.12 12.20 -3.78
N TYR A 65 -7.76 12.52 -2.54
CA TYR A 65 -7.98 13.88 -2.02
C TYR A 65 -7.15 14.89 -2.81
N ASP A 66 -7.74 16.07 -3.04
CA ASP A 66 -7.01 17.14 -3.75
C ASP A 66 -5.71 17.49 -3.05
N ALA A 67 -5.74 17.48 -1.72
CA ALA A 67 -4.62 18.01 -0.94
C ALA A 67 -3.34 17.15 -1.07
N THR A 68 -3.51 15.87 -1.37
CA THR A 68 -2.40 14.91 -1.29
C THR A 68 -2.20 14.14 -2.60
N ARG A 69 -2.90 14.54 -3.66
CA ARG A 69 -2.77 13.81 -4.91
C ARG A 69 -1.39 14.03 -5.55
N VAL A 70 -0.95 13.04 -6.33
CA VAL A 70 0.29 13.19 -7.10
C VAL A 70 -0.02 13.78 -8.46
N LYS A 71 0.82 14.71 -8.90
CA LYS A 71 0.57 15.43 -10.13
CA LYS A 71 0.59 15.44 -10.15
C LYS A 71 1.58 15.00 -11.21
N LEU A 72 1.08 14.73 -12.42
CA LEU A 72 1.93 14.46 -13.57
C LEU A 72 2.32 15.82 -14.17
N SER A 73 3.52 15.93 -14.73
CA SER A 73 3.95 17.17 -15.36
C SER A 73 3.13 17.38 -16.62
N GLY A 74 3.04 18.61 -17.11
CA GLY A 74 2.37 18.84 -18.37
C GLY A 74 0.96 19.32 -18.19
N GLY A 75 0.16 19.28 -19.25
CA GLY A 75 -1.14 19.91 -19.24
C GLY A 75 -2.31 19.00 -18.94
N SER A 76 -2.04 17.70 -18.77
CA SER A 76 -3.00 16.83 -18.10
C SER A 76 -2.38 16.18 -16.86
N ASP A 77 -2.53 16.83 -15.72
CA ASP A 77 -1.77 16.45 -14.53
C ASP A 77 -2.31 15.30 -13.69
N TYR A 78 -3.45 14.76 -14.09
CA TYR A 78 -4.24 13.92 -13.19
C TYR A 78 -3.84 12.45 -13.25
N ILE A 79 -3.60 11.88 -12.07
CA ILE A 79 -3.56 10.42 -11.91
C ILE A 79 -4.22 10.08 -10.58
N ASN A 80 -4.89 8.94 -10.53
CA ASN A 80 -5.51 8.51 -9.28
C ASN A 80 -4.42 7.92 -8.39
N ALA A 81 -3.78 8.80 -7.62
CA ALA A 81 -2.63 8.45 -6.78
C ALA A 81 -2.48 9.51 -5.68
N SER A 82 -1.99 9.08 -4.53
CA SER A 82 -1.88 9.87 -3.33
C SER A 82 -0.52 9.68 -2.66
N TYR A 83 0.06 10.76 -2.14
CA TYR A 83 1.24 10.66 -1.28
C TYR A 83 0.85 10.22 0.12
N ILE A 84 1.63 9.30 0.70
CA ILE A 84 1.33 8.76 2.03
C ILE A 84 2.62 8.82 2.89
N PRO A 85 2.50 9.27 4.14
CA PRO A 85 3.67 9.29 5.05
C PRO A 85 4.07 7.91 5.52
N GLY A 86 5.36 7.76 5.85
CA GLY A 86 5.84 6.59 6.58
C GLY A 86 6.41 6.93 7.95
N ASN A 87 7.20 6.02 8.52
CA ASN A 87 7.89 6.28 9.78
C ASN A 87 8.92 7.38 9.63
N ASN A 88 9.40 7.53 8.41
CA ASN A 88 10.72 8.09 8.13
C ASN A 88 10.55 9.47 7.44
N PHE A 89 9.54 9.58 6.56
CA PHE A 89 9.42 10.73 5.64
C PHE A 89 7.94 11.02 5.35
N ARG A 90 7.61 12.26 5.03
CA ARG A 90 6.21 12.62 4.76
C ARG A 90 5.62 12.06 3.45
N ARG A 91 6.48 11.80 2.47
CA ARG A 91 6.00 11.22 1.21
C ARG A 91 6.76 9.93 0.93
N GLU A 92 6.67 9.01 1.87
CA GLU A 92 7.43 7.78 1.78
C GLU A 92 6.81 6.81 0.78
N TYR A 93 5.50 6.91 0.58
CA TYR A 93 4.81 6.07 -0.39
C TYR A 93 3.94 6.87 -1.33
N ILE A 94 3.67 6.28 -2.49
CA ILE A 94 2.57 6.70 -3.32
C ILE A 94 1.62 5.51 -3.41
N VAL A 95 0.36 5.73 -3.04
CA VAL A 95 -0.68 4.75 -3.23
C VAL A 95 -1.48 5.11 -4.46
N THR A 96 -1.71 4.13 -5.31
CA THR A 96 -2.44 4.36 -6.54
C THR A 96 -3.38 3.19 -6.83
N GLN A 97 -4.31 3.38 -7.75
CA GLN A 97 -5.17 2.31 -8.21
C GLN A 97 -4.38 1.37 -9.14
N GLY A 98 -4.96 0.21 -9.41
CA GLY A 98 -4.44 -0.67 -10.45
C GLY A 98 -4.63 0.02 -11.79
N PRO A 99 -3.52 0.24 -12.55
CA PRO A 99 -3.64 0.93 -13.83
C PRO A 99 -4.67 0.31 -14.76
N LEU A 100 -5.34 1.20 -15.49
CA LEU A 100 -6.26 0.82 -16.55
C LEU A 100 -5.47 0.72 -17.86
N PRO A 101 -6.01 0.06 -18.87
CA PRO A 101 -5.34 0.08 -20.18
C PRO A 101 -5.04 1.51 -20.61
N GLY A 102 -5.97 2.42 -20.35
CA GLY A 102 -5.81 3.80 -20.77
C GLY A 102 -4.97 4.67 -19.85
N THR A 103 -4.58 4.15 -18.67
CA THR A 103 -3.77 4.92 -17.75
C THR A 103 -2.41 4.30 -17.45
N LYS A 104 -2.05 3.20 -18.10
CA LYS A 104 -0.74 2.64 -17.80
CA LYS A 104 -0.74 2.58 -17.87
C LYS A 104 0.41 3.54 -18.20
N ASP A 105 0.27 4.31 -19.28
CA ASP A 105 1.36 5.24 -19.62
C ASP A 105 1.50 6.30 -18.53
N ASP A 106 0.36 6.76 -18.01
CA ASP A 106 0.34 7.72 -16.90
C ASP A 106 1.04 7.15 -15.67
N PHE A 107 0.75 5.89 -15.36
CA PHE A 107 1.39 5.20 -14.24
C PHE A 107 2.91 5.20 -14.41
N TRP A 108 3.38 4.80 -15.59
CA TRP A 108 4.82 4.76 -15.81
C TRP A 108 5.45 6.15 -15.81
N LYS A 109 4.71 7.14 -16.32
CA LYS A 109 5.18 8.51 -16.25
C LYS A 109 5.39 8.98 -14.81
N MET A 110 4.42 8.68 -13.94
CA MET A 110 4.59 8.95 -12.51
C MET A 110 5.80 8.24 -11.91
N VAL A 111 5.96 6.96 -12.25
CA VAL A 111 7.10 6.19 -11.75
C VAL A 111 8.42 6.91 -12.15
N TRP A 112 8.51 7.33 -13.40
CA TRP A 112 9.71 8.04 -13.88
C TRP A 112 9.88 9.38 -13.15
N GLU A 113 8.84 10.20 -13.17
CA GLU A 113 8.97 11.57 -12.67
C GLU A 113 9.22 11.62 -11.16
N GLN A 114 8.67 10.64 -10.43
CA GLN A 114 8.79 10.64 -8.99
C GLN A 114 10.02 9.85 -8.48
N ASN A 115 10.85 9.38 -9.40
CA ASN A 115 12.07 8.66 -9.05
C ASN A 115 11.79 7.39 -8.26
N VAL A 116 10.75 6.69 -8.66
CA VAL A 116 10.36 5.45 -8.02
C VAL A 116 11.31 4.34 -8.46
N HIS A 117 11.77 3.56 -7.48
CA HIS A 117 12.60 2.38 -7.74
C HIS A 117 11.95 1.07 -7.31
N ASN A 118 10.89 1.15 -6.50
CA ASN A 118 10.24 -0.06 -5.99
C ASN A 118 8.74 0.10 -6.11
N ILE A 119 8.11 -0.92 -6.67
CA ILE A 119 6.64 -0.97 -6.84
C ILE A 119 6.12 -2.23 -6.16
N VAL A 120 5.07 -2.09 -5.37
CA VAL A 120 4.42 -3.21 -4.68
C VAL A 120 2.99 -3.36 -5.19
N MET A 121 2.63 -4.58 -5.58
CA MET A 121 1.32 -4.90 -6.14
C MET A 121 0.67 -6.00 -5.30
N VAL A 122 -0.49 -5.69 -4.72
CA VAL A 122 -1.18 -6.62 -3.84
C VAL A 122 -2.60 -6.93 -4.36
N THR A 123 -2.69 -7.09 -5.67
CA THR A 123 -3.88 -7.63 -6.34
C THR A 123 -3.42 -8.56 -7.47
N GLN A 124 -4.30 -9.49 -7.86
CA GLN A 124 -4.15 -10.15 -9.16
C GLN A 124 -4.78 -9.27 -10.24
N CYS A 125 -4.42 -9.51 -11.50
CA CYS A 125 -5.06 -8.79 -12.60
C CYS A 125 -6.53 -9.13 -12.77
N VAL A 126 -6.87 -10.40 -12.54
CA VAL A 126 -8.24 -10.87 -12.71
C VAL A 126 -8.59 -11.70 -11.48
N GLU A 127 -9.79 -11.51 -10.93
CA GLU A 127 -10.20 -12.31 -9.79
CA GLU A 127 -10.30 -12.23 -9.73
C GLU A 127 -11.63 -12.86 -10.10
N LYS A 128 -11.73 -14.20 -10.12
CA LYS A 128 -12.92 -14.89 -10.62
C LYS A 128 -13.52 -14.28 -11.89
N GLY A 129 -12.66 -14.00 -12.86
CA GLY A 129 -13.10 -13.57 -14.18
C GLY A 129 -13.40 -12.09 -14.27
N ARG A 130 -13.31 -11.38 -13.15
CA ARG A 130 -13.53 -9.92 -13.14
CA ARG A 130 -13.52 -9.93 -13.15
C ARG A 130 -12.19 -9.19 -13.17
N VAL A 131 -12.04 -8.26 -14.10
CA VAL A 131 -10.79 -7.52 -14.20
C VAL A 131 -10.61 -6.57 -13.00
N LYS A 132 -9.44 -6.63 -12.38
CA LYS A 132 -9.09 -5.80 -11.23
C LYS A 132 -7.88 -4.90 -11.51
N CYS A 133 -7.05 -5.30 -12.47
CA CYS A 133 -5.85 -4.51 -12.77
C CYS A 133 -5.37 -4.89 -14.15
N ASP A 134 -4.91 -3.92 -14.92
CA ASP A 134 -4.32 -4.23 -16.22
C ASP A 134 -2.97 -4.89 -16.02
N HIS A 135 -2.58 -5.75 -16.95
CA HIS A 135 -1.22 -6.30 -16.94
C HIS A 135 -0.31 -5.25 -17.57
N TYR A 136 0.10 -4.26 -16.78
CA TYR A 136 0.62 -2.99 -17.30
C TYR A 136 2.14 -3.02 -17.53
N TRP A 137 2.73 -4.20 -17.45
CA TRP A 137 4.15 -4.37 -17.74
C TRP A 137 4.28 -5.45 -18.84
N PRO A 138 5.47 -5.56 -19.47
CA PRO A 138 5.59 -6.51 -20.59
C PRO A 138 5.41 -7.97 -20.21
N ALA A 139 4.97 -8.77 -21.18
CA ALA A 139 4.77 -10.23 -21.00
C ALA A 139 6.07 -11.04 -21.14
N ASP A 140 7.09 -10.43 -21.70
CA ASP A 140 8.36 -11.11 -21.95
C ASP A 140 9.50 -10.07 -21.88
N GLN A 141 10.70 -10.45 -22.31
CA GLN A 141 11.88 -9.60 -22.12
C GLN A 141 12.09 -8.57 -23.25
N ASP A 142 11.12 -8.46 -24.17
CA ASP A 142 11.30 -7.53 -25.30
C ASP A 142 10.78 -6.13 -24.93
N SER A 143 11.49 -5.10 -25.36
CA SER A 143 11.15 -3.72 -24.97
C SER A 143 9.81 -3.25 -25.49
N LEU A 144 9.19 -2.32 -24.77
CA LEU A 144 7.97 -1.68 -25.26
C LEU A 144 7.99 -0.23 -24.79
N TYR A 145 7.39 0.66 -25.60
CA TYR A 145 7.12 2.02 -25.13
C TYR A 145 5.89 2.06 -24.22
N TYR A 146 5.95 2.91 -23.21
CA TYR A 146 4.77 3.35 -22.47
C TYR A 146 4.85 4.86 -22.45
N GLY A 147 4.09 5.51 -23.34
CA GLY A 147 4.19 6.96 -23.51
C GLY A 147 5.59 7.36 -24.00
N ASP A 148 6.24 8.26 -23.26
CA ASP A 148 7.57 8.73 -23.64
C ASP A 148 8.70 7.94 -22.95
N LEU A 149 8.39 6.76 -22.46
CA LEU A 149 9.40 5.98 -21.76
C LEU A 149 9.54 4.66 -22.50
N ILE A 150 10.74 4.08 -22.49
CA ILE A 150 10.87 2.69 -22.95
CA ILE A 150 10.93 2.71 -22.98
C ILE A 150 11.23 1.80 -21.79
N LEU A 151 10.62 0.62 -21.79
CA LEU A 151 10.75 -0.28 -20.65
CA LEU A 151 10.68 -0.30 -20.65
C LEU A 151 11.13 -1.67 -21.12
N GLN A 152 12.01 -2.33 -20.36
CA GLN A 152 12.44 -3.71 -20.66
C GLN A 152 12.35 -4.50 -19.36
N MET A 153 11.69 -5.66 -19.40
CA MET A 153 11.70 -6.52 -18.23
C MET A 153 12.92 -7.41 -18.30
N LEU A 154 13.81 -7.30 -17.32
CA LEU A 154 15.07 -8.05 -17.29
C LEU A 154 14.87 -9.45 -16.72
N SER A 155 14.01 -9.55 -15.72
CA SER A 155 13.84 -10.83 -15.04
C SER A 155 12.48 -10.91 -14.39
N GLU A 156 12.04 -12.15 -14.19
CA GLU A 156 10.76 -12.42 -13.58
C GLU A 156 10.93 -13.71 -12.79
N SER A 157 10.84 -13.61 -11.47
CA SER A 157 11.05 -14.75 -10.59
CA SER A 157 11.07 -14.73 -10.57
C SER A 157 9.78 -15.06 -9.81
N VAL A 158 9.15 -16.19 -10.15
CA VAL A 158 7.87 -16.58 -9.56
C VAL A 158 8.12 -17.50 -8.38
N LEU A 159 7.84 -16.99 -7.17
CA LEU A 159 8.02 -17.76 -5.97
C LEU A 159 6.67 -18.15 -5.39
N PRO A 160 6.65 -19.02 -4.37
CA PRO A 160 5.37 -19.53 -3.91
C PRO A 160 4.32 -18.48 -3.53
N GLU A 161 4.72 -17.38 -2.89
CA GLU A 161 3.75 -16.42 -2.38
C GLU A 161 3.90 -15.04 -3.01
N TRP A 162 4.93 -14.85 -3.82
CA TRP A 162 5.12 -13.59 -4.53
C TRP A 162 6.03 -13.76 -5.73
N THR A 163 5.96 -12.77 -6.62
CA THR A 163 6.77 -12.73 -7.82
C THR A 163 7.56 -11.44 -7.84
N ILE A 164 8.83 -11.52 -8.20
CA ILE A 164 9.71 -10.34 -8.22
C ILE A 164 10.20 -10.12 -9.65
N ARG A 165 9.97 -8.93 -10.16
CA ARG A 165 10.42 -8.58 -11.51
C ARG A 165 11.37 -7.39 -11.42
N GLU A 166 12.28 -7.31 -12.39
CA GLU A 166 13.17 -6.16 -12.48
C GLU A 166 13.00 -5.58 -13.88
N PHE A 167 12.86 -4.26 -13.95
CA PHE A 167 12.67 -3.55 -15.22
C PHE A 167 13.79 -2.56 -15.38
N LYS A 168 14.21 -2.34 -16.64
CA LYS A 168 15.06 -1.22 -16.96
C LYS A 168 14.20 -0.20 -17.68
N ILE A 169 14.26 1.05 -17.25
CA ILE A 169 13.38 2.07 -17.82
C ILE A 169 14.21 3.26 -18.25
N CYS A 170 13.85 3.86 -19.37
CA CYS A 170 14.52 5.07 -19.79
CA CYS A 170 14.54 5.04 -19.86
C CYS A 170 13.57 6.11 -20.32
N GLY A 171 13.73 7.33 -19.85
CA GLY A 171 12.85 8.42 -20.24
C GLY A 171 13.64 9.65 -20.58
N GLU A 172 12.99 10.82 -20.51
CA GLU A 172 13.55 12.08 -21.00
CA GLU A 172 13.57 12.06 -21.01
C GLU A 172 14.70 12.57 -20.12
N HIS A 178 18.79 5.92 -17.53
CA HIS A 178 18.25 4.58 -17.35
C HIS A 178 18.28 4.18 -15.88
N ARG A 179 17.24 3.48 -15.47
CA ARG A 179 17.04 3.18 -14.06
CA ARG A 179 17.04 3.19 -14.06
C ARG A 179 16.54 1.76 -13.95
N LEU A 180 16.93 1.10 -12.86
CA LEU A 180 16.41 -0.23 -12.55
CA LEU A 180 16.43 -0.23 -12.53
C LEU A 180 15.27 -0.10 -11.54
N ILE A 181 14.16 -0.76 -11.83
CA ILE A 181 12.99 -0.70 -10.96
C ILE A 181 12.69 -2.15 -10.57
N ARG A 182 12.35 -2.37 -9.31
CA ARG A 182 11.90 -3.69 -8.89
C ARG A 182 10.42 -3.67 -8.57
N HIS A 183 9.77 -4.79 -8.84
CA HIS A 183 8.31 -4.88 -8.76
C HIS A 183 8.02 -6.14 -7.96
N PHE A 184 7.29 -5.98 -6.87
CA PHE A 184 7.03 -7.03 -5.90
C PHE A 184 5.54 -7.34 -5.90
N HIS A 185 5.18 -8.52 -6.39
CA HIS A 185 3.79 -8.87 -6.62
C HIS A 185 3.39 -9.99 -5.68
N TYR A 186 2.60 -9.65 -4.66
CA TYR A 186 2.12 -10.66 -3.71
C TYR A 186 0.95 -11.38 -4.30
N THR A 187 1.01 -12.71 -4.30
CA THR A 187 0.11 -13.49 -5.12
C THR A 187 -0.79 -14.45 -4.34
N VAL A 188 -0.85 -14.29 -3.03
CA VAL A 188 -1.76 -15.12 -2.25
C VAL A 188 -2.76 -14.35 -1.42
N TRP A 189 -3.09 -13.14 -1.84
CA TRP A 189 -4.18 -12.43 -1.14
C TRP A 189 -5.50 -12.99 -1.66
N PRO A 190 -6.37 -13.49 -0.77
CA PRO A 190 -7.63 -14.01 -1.26
C PRO A 190 -8.51 -12.95 -1.93
N ASP A 191 -9.49 -13.40 -2.73
CA ASP A 191 -10.36 -12.46 -3.46
C ASP A 191 -11.15 -11.59 -2.49
N HIS A 192 -11.52 -12.16 -1.36
CA HIS A 192 -12.22 -11.42 -0.33
C HIS A 192 -11.57 -11.70 1.02
N GLY A 193 -11.66 -10.73 1.91
CA GLY A 193 -11.08 -10.86 3.24
C GLY A 193 -9.58 -10.80 3.26
N VAL A 194 -9.00 -11.22 4.38
CA VAL A 194 -7.58 -11.08 4.64
C VAL A 194 -6.82 -12.36 4.35
N PRO A 195 -5.50 -12.23 4.19
CA PRO A 195 -4.75 -13.44 3.90
C PRO A 195 -4.92 -14.52 4.95
N GLU A 196 -4.68 -15.76 4.53
CA GLU A 196 -5.10 -16.88 5.33
CA GLU A 196 -5.03 -16.95 5.30
C GLU A 196 -4.07 -17.21 6.43
N THR A 197 -2.88 -16.61 6.34
CA THR A 197 -1.87 -16.69 7.43
C THR A 197 -1.29 -15.30 7.66
N THR A 198 -0.71 -15.04 8.83
CA THR A 198 0.06 -13.79 9.01
C THR A 198 1.45 -13.89 8.38
N GLN A 199 2.03 -15.08 8.39
CA GLN A 199 3.43 -15.22 8.01
CA GLN A 199 3.42 -15.26 8.01
C GLN A 199 3.67 -14.78 6.58
N SER A 200 2.72 -15.03 5.69
CA SER A 200 2.90 -14.72 4.27
CA SER A 200 2.94 -14.72 4.28
C SER A 200 3.13 -13.22 4.07
N LEU A 201 2.25 -12.41 4.65
CA LEU A 201 2.36 -10.97 4.46
C LEU A 201 3.53 -10.40 5.25
N ILE A 202 3.79 -10.94 6.43
CA ILE A 202 4.95 -10.49 7.20
C ILE A 202 6.22 -10.70 6.39
N GLN A 203 6.40 -11.90 5.85
CA GLN A 203 7.62 -12.17 5.11
C GLN A 203 7.72 -11.34 3.82
N PHE A 204 6.58 -11.10 3.18
CA PHE A 204 6.58 -10.27 1.98
C PHE A 204 7.01 -8.83 2.34
N VAL A 205 6.41 -8.29 3.40
CA VAL A 205 6.75 -6.93 3.84
C VAL A 205 8.23 -6.85 4.20
N ARG A 206 8.73 -7.85 4.94
CA ARG A 206 10.15 -7.82 5.29
C ARG A 206 11.08 -7.78 4.07
N THR A 207 10.72 -8.58 3.06
CA THR A 207 11.48 -8.66 1.82
C THR A 207 11.48 -7.29 1.15
N VAL A 208 10.29 -6.71 0.99
CA VAL A 208 10.23 -5.42 0.30
C VAL A 208 11.01 -4.37 1.10
N ARG A 209 10.85 -4.37 2.42
CA ARG A 209 11.51 -3.35 3.23
C ARG A 209 13.04 -3.47 3.10
N ASP A 210 13.54 -4.70 3.02
CA ASP A 210 14.96 -4.89 2.79
CA ASP A 210 14.98 -4.91 2.81
C ASP A 210 15.42 -4.16 1.52
N TYR A 211 14.67 -4.35 0.44
CA TYR A 211 14.98 -3.68 -0.82
C TYR A 211 14.83 -2.17 -0.73
N ILE A 212 13.77 -1.69 -0.09
CA ILE A 212 13.61 -0.23 0.06
C ILE A 212 14.82 0.34 0.81
N ASN A 213 15.26 -0.33 1.87
CA ASN A 213 16.41 0.17 2.63
C ASN A 213 17.70 0.28 1.79
N ARG A 214 17.80 -0.57 0.77
CA ARG A 214 18.96 -0.58 -0.10
C ARG A 214 18.82 0.43 -1.24
N SER A 215 17.71 1.21 -1.23
CA SER A 215 17.47 2.26 -2.23
C SER A 215 17.38 3.63 -1.58
N PRO A 216 18.41 4.03 -0.80
CA PRO A 216 18.27 5.28 -0.04
C PRO A 216 18.07 6.52 -0.91
N GLY A 217 18.46 6.45 -2.19
CA GLY A 217 18.29 7.60 -3.11
C GLY A 217 16.88 7.76 -3.68
N ALA A 218 16.04 6.76 -3.47
CA ALA A 218 14.83 6.63 -4.28
C ALA A 218 13.75 7.61 -3.81
N GLY A 219 12.84 7.93 -4.71
CA GLY A 219 11.60 8.60 -4.33
C GLY A 219 10.66 7.62 -3.65
N PRO A 220 9.38 7.98 -3.57
CA PRO A 220 8.45 7.16 -2.83
C PRO A 220 8.36 5.72 -3.37
N THR A 221 8.00 4.79 -2.50
CA THR A 221 7.65 3.44 -2.93
C THR A 221 6.21 3.44 -3.38
N VAL A 222 5.93 2.90 -4.56
CA VAL A 222 4.55 2.83 -5.04
C VAL A 222 3.92 1.54 -4.52
N VAL A 223 2.69 1.65 -4.03
CA VAL A 223 1.92 0.51 -3.54
C VAL A 223 0.52 0.59 -4.16
N HIS A 224 0.07 -0.51 -4.76
CA HIS A 224 -1.27 -0.53 -5.33
C HIS A 224 -1.95 -1.88 -5.19
N CYS A 225 -3.27 -1.83 -5.15
CA CYS A 225 -4.11 -3.01 -5.34
C CYS A 225 -5.01 -2.73 -6.53
N SER A 226 -6.30 -3.06 -6.47
CA SER A 226 -7.18 -2.68 -7.57
C SER A 226 -7.59 -1.20 -7.45
N ALA A 227 -8.05 -0.79 -6.28
CA ALA A 227 -8.49 0.61 -6.11
C ALA A 227 -7.49 1.46 -5.34
N GLY A 228 -6.48 0.85 -4.73
CA GLY A 228 -5.59 1.60 -3.84
C GLY A 228 -6.28 1.92 -2.52
N VAL A 229 -6.76 0.87 -1.87
CA VAL A 229 -7.63 1.00 -0.71
C VAL A 229 -7.15 0.05 0.38
N GLY A 230 -8.01 -0.77 0.96
CA GLY A 230 -7.67 -1.50 2.15
C GLY A 230 -6.41 -2.36 2.11
N ARG A 231 -6.23 -3.15 1.04
CA ARG A 231 -5.04 -4.02 1.00
C ARG A 231 -3.76 -3.20 0.99
N THR A 232 -3.77 -2.11 0.23
CA THR A 232 -2.61 -1.23 0.19
CA THR A 232 -2.60 -1.22 0.20
C THR A 232 -2.34 -0.59 1.57
N GLY A 233 -3.40 -0.12 2.22
CA GLY A 233 -3.24 0.44 3.54
C GLY A 233 -2.71 -0.58 4.55
N THR A 234 -3.17 -1.82 4.41
CA THR A 234 -2.75 -2.89 5.30
C THR A 234 -1.25 -3.20 5.06
N PHE A 235 -0.83 -3.26 3.80
CA PHE A 235 0.60 -3.42 3.52
C PHE A 235 1.42 -2.30 4.14
N ILE A 236 1.02 -1.06 3.93
CA ILE A 236 1.85 0.05 4.40
C ILE A 236 1.86 0.09 5.93
N ALA A 237 0.68 -0.10 6.54
CA ALA A 237 0.62 -0.11 7.99
C ALA A 237 1.54 -1.20 8.55
N LEU A 238 1.52 -2.37 7.93
CA LEU A 238 2.40 -3.44 8.40
C LEU A 238 3.88 -3.10 8.21
N ASP A 239 4.24 -2.53 7.06
CA ASP A 239 5.62 -2.05 6.88
C ASP A 239 6.02 -1.07 8.01
N ARG A 240 5.15 -0.12 8.29
CA ARG A 240 5.46 0.86 9.34
C ARG A 240 5.60 0.22 10.71
N ILE A 241 4.67 -0.66 11.08
CA ILE A 241 4.66 -1.28 12.39
CA ILE A 241 4.73 -1.22 12.41
C ILE A 241 5.84 -2.24 12.58
N LEU A 242 6.20 -2.99 11.53
CA LEU A 242 7.33 -3.91 11.70
C LEU A 242 8.65 -3.16 11.87
N GLN A 243 8.77 -2.00 11.21
CA GLN A 243 9.95 -1.16 11.45
C GLN A 243 9.98 -0.72 12.92
N GLN A 244 8.82 -0.34 13.46
CA GLN A 244 8.73 0.04 14.86
CA GLN A 244 8.75 0.04 14.86
C GLN A 244 9.18 -1.08 15.79
N LEU A 245 8.71 -2.29 15.52
CA LEU A 245 9.10 -3.46 16.34
C LEU A 245 10.62 -3.67 16.33
N ASP A 246 11.29 -3.28 15.24
CA ASP A 246 12.74 -3.48 15.15
C ASP A 246 13.58 -2.39 15.81
N SER A 247 12.97 -1.23 16.07
CA SER A 247 13.74 -0.04 16.48
C SER A 247 13.26 0.56 17.80
N LYS A 248 12.03 0.25 18.21
CA LYS A 248 11.40 0.87 19.38
C LYS A 248 10.96 -0.16 20.42
N ASP A 249 10.61 0.32 21.62
CA ASP A 249 10.01 -0.53 22.67
C ASP A 249 8.50 -0.40 22.72
N SER A 250 7.95 0.36 21.77
CA SER A 250 6.50 0.56 21.68
CA SER A 250 6.50 0.52 21.68
C SER A 250 6.05 0.39 20.23
N VAL A 251 4.79 0.02 20.05
CA VAL A 251 4.23 -0.09 18.71
C VAL A 251 2.87 0.60 18.69
N ASP A 252 2.55 1.27 17.58
CA ASP A 252 1.37 2.12 17.51
C ASP A 252 0.61 1.84 16.21
N ILE A 253 -0.14 0.75 16.21
CA ILE A 253 -0.95 0.36 15.06
C ILE A 253 -2.03 1.41 14.81
N TYR A 254 -2.73 1.81 15.87
CA TYR A 254 -3.76 2.86 15.73
C TYR A 254 -3.20 4.13 15.06
N GLY A 255 -2.05 4.60 15.53
CA GLY A 255 -1.46 5.82 14.97
C GLY A 255 -1.02 5.66 13.53
N ALA A 256 -0.52 4.49 13.17
CA ALA A 256 -0.17 4.22 11.77
C ALA A 256 -1.41 4.33 10.87
N VAL A 257 -2.49 3.70 11.29
CA VAL A 257 -3.68 3.69 10.48
C VAL A 257 -4.27 5.12 10.43
N HIS A 258 -4.29 5.82 11.56
CA HIS A 258 -4.73 7.19 11.59
C HIS A 258 -3.96 8.05 10.57
N ASP A 259 -2.63 7.94 10.60
CA ASP A 259 -1.78 8.75 9.73
C ASP A 259 -2.09 8.44 8.26
N LEU A 260 -2.30 7.17 7.93
CA LEU A 260 -2.60 6.81 6.55
C LEU A 260 -3.95 7.38 6.11
N ARG A 261 -4.95 7.29 6.99
CA ARG A 261 -6.29 7.74 6.65
C ARG A 261 -6.33 9.24 6.44
N LEU A 262 -5.43 9.99 7.07
CA LEU A 262 -5.36 11.43 6.83
C LEU A 262 -5.05 11.77 5.36
N HIS A 263 -4.47 10.82 4.62
CA HIS A 263 -3.90 11.11 3.30
C HIS A 263 -4.58 10.43 2.11
N ARG A 264 -5.37 9.39 2.38
CA ARG A 264 -6.19 8.81 1.32
C ARG A 264 -7.36 8.05 1.96
N VAL A 265 -8.50 8.02 1.26
CA VAL A 265 -9.68 7.29 1.74
C VAL A 265 -9.41 5.77 1.80
N HIS A 266 -10.04 5.10 2.76
CA HIS A 266 -10.06 3.63 2.81
C HIS A 266 -8.70 2.99 3.09
N MET A 267 -7.80 3.73 3.75
CA MET A 267 -6.51 3.16 4.10
C MET A 267 -6.69 2.28 5.34
N VAL A 268 -6.73 0.96 5.10
CA VAL A 268 -7.24 -0.04 6.03
C VAL A 268 -8.73 0.21 6.12
N GLN A 269 -9.50 -0.63 5.47
CA GLN A 269 -10.89 -0.29 5.28
C GLN A 269 -11.90 -1.20 5.96
N THR A 270 -11.40 -2.28 6.58
CA THR A 270 -12.29 -3.16 7.34
C THR A 270 -11.73 -3.44 8.74
N GLU A 271 -12.62 -3.73 9.66
CA GLU A 271 -12.18 -4.17 10.97
C GLU A 271 -11.31 -5.43 10.84
N CYS A 272 -11.66 -6.31 9.90
CA CYS A 272 -10.88 -7.54 9.68
CA CYS A 272 -10.90 -7.54 9.68
C CYS A 272 -9.43 -7.22 9.38
N GLN A 273 -9.18 -6.21 8.54
CA GLN A 273 -7.80 -5.80 8.28
C GLN A 273 -7.11 -5.25 9.54
N TYR A 274 -7.86 -4.46 10.33
CA TYR A 274 -7.31 -3.93 11.56
C TYR A 274 -6.92 -5.05 12.53
N VAL A 275 -7.79 -6.05 12.66
CA VAL A 275 -7.50 -7.23 13.49
C VAL A 275 -6.27 -7.94 12.95
N TYR A 276 -6.20 -8.10 11.62
CA TYR A 276 -5.09 -8.82 11.00
C TYR A 276 -3.75 -8.15 11.32
N LEU A 277 -3.73 -6.80 11.30
CA LEU A 277 -2.50 -6.09 11.68
C LEU A 277 -2.06 -6.44 13.10
N HIS A 278 -3.02 -6.49 14.02
CA HIS A 278 -2.72 -6.86 15.39
C HIS A 278 -2.25 -8.31 15.47
N GLN A 279 -2.86 -9.19 14.68
CA GLN A 279 -2.43 -10.60 14.66
C GLN A 279 -1.00 -10.76 14.15
N CYS A 280 -0.63 -9.95 13.14
CA CYS A 280 0.72 -10.01 12.64
C CYS A 280 1.73 -9.60 13.71
N VAL A 281 1.47 -8.49 14.39
CA VAL A 281 2.36 -8.03 15.42
C VAL A 281 2.46 -9.05 16.56
N ARG A 282 1.31 -9.55 17.00
CA ARG A 282 1.27 -10.62 18.02
C ARG A 282 2.16 -11.79 17.59
N ASP A 283 2.06 -12.21 16.34
CA ASP A 283 2.75 -13.45 15.93
C ASP A 283 4.25 -13.22 15.83
N VAL A 284 4.63 -12.03 15.41
CA VAL A 284 6.04 -11.65 15.41
C VAL A 284 6.62 -11.67 16.82
N LEU A 285 5.91 -11.06 17.77
CA LEU A 285 6.33 -11.04 19.17
C LEU A 285 6.36 -12.44 19.82
N ARG A 286 5.38 -13.27 19.50
CA ARG A 286 5.38 -14.66 19.99
C ARG A 286 6.58 -15.44 19.48
N ALA A 287 6.95 -15.19 18.23
CA ALA A 287 8.04 -15.94 17.60
C ALA A 287 9.37 -15.52 18.20
N ARG A 288 9.52 -14.22 18.45
CA ARG A 288 10.66 -13.70 19.19
C ARG A 288 10.94 -14.53 20.44
N LYS A 289 9.88 -14.88 21.16
CA LYS A 289 10.02 -15.40 22.52
C LYS A 289 10.27 -16.90 22.54
N LEU A 290 10.10 -17.54 21.39
CA LEU A 290 10.85 -18.77 21.07
C LEU A 290 11.96 -19.01 22.09
MG MG B . 6.68 -8.80 -29.05
NA NA C . -11.01 -7.57 4.68
NA NA D . 6.38 -0.17 -28.14
#